data_3WC4
#
_entry.id   3WC4
#
_cell.length_a   50.202
_cell.length_b   55.195
_cell.length_c   86.224
_cell.angle_alpha   90.00
_cell.angle_beta   105.07
_cell.angle_gamma   90.00
#
_symmetry.space_group_name_H-M   'P 1 21 1'
#
loop_
_entity.id
_entity.type
_entity.pdbx_description
1 polymer 'UDP-glucose:anthocyanidin 3-O-glucosyltransferase'
2 non-polymer GLYCEROL
3 non-polymer 'ACETATE ION'
4 water water
#
_entity_poly.entity_id   1
_entity_poly.type   'polypeptide(L)'
_entity_poly.pdbx_seq_one_letter_code
;MKNKQHVAIFPFPFGSHLPPLLNLVLKLAHIAPNTSFSFIGTHSSNAFLFTKRHIPNNIRVFTISDGIPEGHVPANNPIE
KLDLFLSTGPDNLRKGIELAVAETKQSVTCIIADAFVTSSLLVAQTLNVPWIAFWPNVSCSLSLYFNIDLIRDKCSKDAK
NATLDFLPGLSKLRVEDVPQDMLDVGEKETLFSRTLNSLGVVLPQAKAVVVNFFAELDPPLFVKYMRSKLQSLLYVVPLP
CPQLLLPEIDSNGCLSWLDSKSSRSVAYVCFGTVVSPPPQEVVAVAEALEESGFPFVWALKESLLSILPKGFVERTSTRG
KVVSWVPQSHVLSHGSVGVFVTHCGANSVMESVSNGVPMICRPFFGDQGIAARVIQDIWEVGVIVEGKVFTKNGFVKSLN
LILVQEDGKKIRDNALKVKQIVQDAVGPHGQAAEDFNTLVEVISSS
;
_entity_poly.pdbx_strand_id   A
#
loop_
_chem_comp.id
_chem_comp.type
_chem_comp.name
_chem_comp.formula
ACT non-polymer 'ACETATE ION' 'C2 H3 O2 -1'
GOL non-polymer GLYCEROL 'C3 H8 O3'
#
# COMPACT_ATOMS: atom_id res chain seq x y z
N MET A 1 6.02 -27.05 -29.96
CA MET A 1 4.80 -27.11 -29.10
C MET A 1 4.27 -25.69 -28.98
N LYS A 2 2.96 -25.53 -28.98
CA LYS A 2 2.44 -24.19 -28.73
C LYS A 2 2.42 -23.90 -27.23
N ASN A 3 2.91 -22.73 -26.85
CA ASN A 3 2.86 -22.30 -25.47
C ASN A 3 1.40 -22.12 -25.07
N LYS A 4 0.98 -22.86 -24.06
CA LYS A 4 -0.41 -22.75 -23.61
C LYS A 4 -0.47 -22.18 -22.18
N GLN A 5 0.62 -21.55 -21.69
CA GLN A 5 0.63 -21.00 -20.32
C GLN A 5 -0.32 -19.81 -20.25
N HIS A 6 -1.17 -19.79 -19.22
CA HIS A 6 -2.27 -18.84 -19.14
C HIS A 6 -2.55 -18.49 -17.71
N VAL A 7 -2.10 -17.32 -17.31
CA VAL A 7 -2.23 -16.85 -15.93
C VAL A 7 -3.49 -15.98 -15.77
N ALA A 8 -4.39 -16.34 -14.83
CA ALA A 8 -5.51 -15.47 -14.56
C ALA A 8 -5.21 -14.63 -13.33
N ILE A 9 -5.56 -13.34 -13.37
CA ILE A 9 -5.19 -12.42 -12.30
C ILE A 9 -6.41 -11.77 -11.71
N PHE A 10 -6.53 -11.86 -10.38
CA PHE A 10 -7.67 -11.24 -9.65
C PHE A 10 -7.14 -10.17 -8.68
N PRO A 11 -7.21 -8.89 -9.10
CA PRO A 11 -6.91 -7.80 -8.15
C PRO A 11 -8.05 -7.75 -7.11
N PHE A 12 -7.73 -7.22 -5.94
CA PHE A 12 -8.77 -6.72 -5.04
C PHE A 12 -9.18 -5.38 -5.70
N PRO A 13 -10.40 -5.29 -6.24
CA PRO A 13 -10.68 -4.31 -7.33
C PRO A 13 -11.01 -2.90 -6.79
N PHE A 14 -10.07 -2.36 -6.02
CA PHE A 14 -10.23 -1.10 -5.34
C PHE A 14 -8.94 -0.34 -5.34
N GLY A 15 -9.02 0.93 -5.76
CA GLY A 15 -8.03 1.96 -5.49
C GLY A 15 -6.60 1.47 -5.41
N SER A 16 -6.00 1.60 -4.25
CA SER A 16 -4.56 1.41 -4.09
C SER A 16 -4.06 -0.04 -4.29
N HIS A 17 -4.98 -1.01 -4.27
CA HIS A 17 -4.58 -2.37 -4.61
C HIS A 17 -4.32 -2.59 -6.09
N LEU A 18 -4.79 -1.69 -6.92
CA LEU A 18 -4.78 -1.92 -8.37
C LEU A 18 -3.42 -1.65 -9.07
N PRO A 19 -2.82 -0.47 -8.89
CA PRO A 19 -1.56 -0.35 -9.63
C PRO A 19 -0.44 -1.35 -9.24
N PRO A 20 -0.26 -1.65 -7.92
CA PRO A 20 0.84 -2.60 -7.65
C PRO A 20 0.68 -3.99 -8.30
N LEU A 21 -0.55 -4.47 -8.43
CA LEU A 21 -0.75 -5.75 -9.12
C LEU A 21 -0.60 -5.61 -10.61
N LEU A 22 -1.06 -4.50 -11.19
CA LEU A 22 -0.81 -4.26 -12.62
C LEU A 22 0.68 -4.23 -12.91
N ASN A 23 1.42 -3.52 -12.06
CA ASN A 23 2.86 -3.42 -12.14
C ASN A 23 3.55 -4.78 -12.18
N LEU A 24 3.17 -5.67 -11.28
CA LEU A 24 3.79 -7.01 -11.28
C LEU A 24 3.43 -7.77 -12.57
N VAL A 25 2.15 -7.71 -12.96
CA VAL A 25 1.69 -8.36 -14.23
C VAL A 25 2.40 -7.80 -15.48
N LEU A 26 2.62 -6.49 -15.52
CA LEU A 26 3.36 -5.91 -16.64
C LEU A 26 4.77 -6.49 -16.71
N LYS A 27 5.40 -6.65 -15.55
CA LYS A 27 6.76 -7.19 -15.52
C LYS A 27 6.79 -8.66 -16.01
N LEU A 28 5.89 -9.46 -15.45
CA LEU A 28 5.76 -10.87 -15.86
C LEU A 28 5.45 -10.98 -17.37
N ALA A 29 4.53 -10.15 -17.86
CA ALA A 29 4.12 -10.23 -19.25
C ALA A 29 5.28 -9.83 -20.16
N HIS A 30 6.13 -8.90 -19.70
CA HIS A 30 7.25 -8.46 -20.54
C HIS A 30 8.34 -9.51 -20.65
N ILE A 31 8.60 -10.23 -19.58
CA ILE A 31 9.65 -11.25 -19.63
C ILE A 31 9.13 -12.56 -20.26
N ALA A 32 7.81 -12.74 -20.31
CA ALA A 32 7.17 -13.95 -20.89
C ALA A 32 6.11 -13.55 -21.94
N PRO A 33 6.57 -12.98 -23.06
CA PRO A 33 5.68 -12.45 -24.07
C PRO A 33 4.88 -13.58 -24.78
N ASN A 34 5.32 -14.82 -24.64
CA ASN A 34 4.53 -15.93 -25.18
C ASN A 34 3.43 -16.48 -24.24
N THR A 35 3.36 -15.91 -23.05
CA THR A 35 2.38 -16.36 -22.05
C THR A 35 1.20 -15.41 -22.00
N SER A 36 -0.02 -15.94 -21.90
CA SER A 36 -1.22 -15.12 -21.76
C SER A 36 -1.43 -14.73 -20.29
N PHE A 37 -1.78 -13.48 -20.07
CA PHE A 37 -2.10 -12.94 -18.75
C PHE A 37 -3.51 -12.33 -18.88
N SER A 38 -4.45 -12.84 -18.09
CA SER A 38 -5.83 -12.32 -18.19
C SER A 38 -6.19 -11.59 -16.91
N PHE A 39 -6.40 -10.29 -17.00
CA PHE A 39 -6.56 -9.45 -15.79
C PHE A 39 -8.06 -9.24 -15.63
N ILE A 40 -8.61 -9.72 -14.52
CA ILE A 40 -10.05 -9.81 -14.35
C ILE A 40 -10.45 -8.82 -13.24
N GLY A 41 -11.05 -7.68 -13.64
CA GLY A 41 -11.52 -6.70 -12.67
C GLY A 41 -13.02 -6.43 -12.80
N THR A 42 -13.50 -5.43 -12.06
CA THR A 42 -14.88 -4.96 -12.20
C THR A 42 -14.90 -3.84 -13.23
N HIS A 43 -16.06 -3.37 -13.62
CA HIS A 43 -16.11 -2.24 -14.54
C HIS A 43 -15.39 -1.01 -13.97
N SER A 44 -15.57 -0.73 -12.67
CA SER A 44 -14.93 0.43 -12.07
CA SER A 44 -14.94 0.40 -12.01
C SER A 44 -13.42 0.23 -11.88
N SER A 45 -12.98 -0.97 -11.54
CA SER A 45 -11.54 -1.15 -11.33
C SER A 45 -10.84 -1.11 -12.69
N ASN A 46 -11.48 -1.68 -13.70
CA ASN A 46 -10.93 -1.62 -15.05
C ASN A 46 -10.86 -0.20 -15.55
N ALA A 47 -11.89 0.60 -15.33
CA ALA A 47 -11.78 2.00 -15.77
C ALA A 47 -10.62 2.69 -15.06
N PHE A 48 -10.47 2.40 -13.77
CA PHE A 48 -9.43 3.04 -12.97
C PHE A 48 -8.03 2.73 -13.51
N LEU A 49 -7.79 1.51 -13.98
CA LEU A 49 -6.45 1.14 -14.48
C LEU A 49 -6.20 1.40 -15.93
N PHE A 50 -7.21 1.12 -16.77
CA PHE A 50 -6.92 0.93 -18.17
C PHE A 50 -7.45 2.06 -19.05
N THR A 51 -8.02 3.10 -18.45
CA THR A 51 -8.62 4.14 -19.28
C THR A 51 -7.62 4.83 -20.21
N LYS A 52 -6.53 5.32 -19.67
CA LYS A 52 -5.67 6.08 -20.57
C LYS A 52 -4.41 5.31 -20.98
N ARG A 53 -4.44 3.99 -20.78
CA ARG A 53 -3.23 3.18 -20.77
C ARG A 53 -3.07 2.26 -22.01
N HIS A 54 -1.85 2.16 -22.54
CA HIS A 54 -1.54 1.09 -23.50
C HIS A 54 -1.14 -0.15 -22.74
N ILE A 55 -1.67 -1.30 -23.12
CA ILE A 55 -1.19 -2.54 -22.48
C ILE A 55 -0.59 -3.51 -23.50
N PRO A 56 0.40 -4.29 -23.06
CA PRO A 56 1.01 -5.24 -23.99
C PRO A 56 0.00 -6.20 -24.61
N ASN A 57 0.38 -6.80 -25.72
CA ASN A 57 -0.53 -7.65 -26.45
C ASN A 57 -0.85 -8.96 -25.72
N ASN A 58 0.00 -9.40 -24.79
CA ASN A 58 -0.31 -10.60 -24.04
C ASN A 58 -1.10 -10.38 -22.72
N ILE A 59 -1.52 -9.14 -22.48
CA ILE A 59 -2.40 -8.86 -21.36
C ILE A 59 -3.77 -8.48 -21.91
N ARG A 60 -4.79 -9.21 -21.47
CA ARG A 60 -6.16 -8.94 -21.87
C ARG A 60 -6.95 -8.64 -20.61
N VAL A 61 -7.96 -7.77 -20.73
CA VAL A 61 -8.71 -7.31 -19.57
C VAL A 61 -10.14 -7.86 -19.66
N PHE A 62 -10.63 -8.41 -18.55
CA PHE A 62 -12.00 -8.94 -18.50
C PHE A 62 -12.75 -8.34 -17.33
N THR A 63 -14.08 -8.29 -17.47
CA THR A 63 -14.94 -7.66 -16.46
C THR A 63 -15.91 -8.63 -15.76
N ILE A 64 -15.91 -8.60 -14.43
CA ILE A 64 -16.86 -9.35 -13.60
C ILE A 64 -17.65 -8.37 -12.72
N SER A 65 -18.71 -8.88 -12.11
CA SER A 65 -19.57 -8.04 -11.28
C SER A 65 -18.87 -7.37 -10.07
N ASP A 66 -19.31 -6.15 -9.69
CA ASP A 66 -18.79 -5.53 -8.45
C ASP A 66 -19.68 -5.87 -7.23
N GLY A 67 -20.76 -6.60 -7.48
CA GLY A 67 -21.68 -6.97 -6.40
C GLY A 67 -22.65 -5.89 -5.99
N ILE A 68 -22.69 -4.80 -6.74
CA ILE A 68 -23.61 -3.72 -6.45
C ILE A 68 -24.77 -3.81 -7.43
N PRO A 69 -25.92 -4.38 -7.01
CA PRO A 69 -27.05 -4.49 -7.93
C PRO A 69 -27.48 -3.11 -8.43
N GLU A 70 -27.90 -3.01 -9.69
CA GLU A 70 -28.33 -1.68 -10.18
C GLU A 70 -29.48 -1.12 -9.35
N GLY A 71 -29.42 0.17 -9.04
CA GLY A 71 -30.37 0.86 -8.15
C GLY A 71 -29.90 0.96 -6.70
N HIS A 72 -28.96 0.11 -6.30
CA HIS A 72 -28.43 0.23 -4.97
C HIS A 72 -27.46 1.38 -4.91
N VAL A 73 -27.49 2.11 -3.81
CA VAL A 73 -26.53 3.20 -3.54
C VAL A 73 -25.83 2.94 -2.19
N PRO A 74 -24.54 2.54 -2.23
CA PRO A 74 -23.81 2.25 -1.00
C PRO A 74 -23.68 3.50 -0.17
N ALA A 75 -23.62 3.31 1.13
CA ALA A 75 -23.38 4.39 2.06
C ALA A 75 -21.96 4.89 1.87
N ASN A 76 -21.68 6.03 2.47
CA ASN A 76 -20.40 6.67 2.34
C ASN A 76 -19.46 6.22 3.45
N ASN A 77 -19.00 4.99 3.32
CA ASN A 77 -17.96 4.47 4.15
C ASN A 77 -17.14 3.47 3.34
N PRO A 78 -15.87 3.34 3.69
CA PRO A 78 -14.92 2.61 2.87
C PRO A 78 -15.12 1.09 2.86
N ILE A 79 -16.03 0.55 3.64
CA ILE A 79 -16.10 -0.91 3.74
C ILE A 79 -17.20 -1.51 2.86
N GLU A 80 -18.31 -0.77 2.71
CA GLU A 80 -19.47 -1.35 2.05
C GLU A 80 -19.11 -1.95 0.68
N LYS A 81 -18.48 -1.18 -0.21
CA LYS A 81 -18.23 -1.73 -1.55
C LYS A 81 -17.28 -2.91 -1.48
N LEU A 82 -16.38 -2.91 -0.50
CA LEU A 82 -15.50 -4.10 -0.32
C LEU A 82 -16.32 -5.32 -0.02
N ASP A 83 -17.21 -5.20 0.99
CA ASP A 83 -18.09 -6.33 1.33
C ASP A 83 -18.88 -6.82 0.11
N LEU A 84 -19.50 -5.88 -0.61
CA LEU A 84 -20.38 -6.28 -1.73
C LEU A 84 -19.61 -7.06 -2.79
N PHE A 85 -18.41 -6.59 -3.11
CA PHE A 85 -17.58 -7.40 -4.04
C PHE A 85 -17.27 -8.78 -3.47
N LEU A 86 -16.72 -8.81 -2.25
CA LEU A 86 -16.36 -10.08 -1.65
C LEU A 86 -17.60 -11.02 -1.58
N SER A 87 -18.80 -10.46 -1.41
CA SER A 87 -20.01 -11.28 -1.31
C SER A 87 -20.34 -11.99 -2.63
N THR A 88 -19.69 -11.62 -3.74
CA THR A 88 -20.07 -12.23 -5.03
C THR A 88 -19.47 -13.63 -5.15
N GLY A 89 -18.45 -13.94 -4.35
CA GLY A 89 -18.04 -15.34 -4.12
C GLY A 89 -17.31 -15.92 -5.35
N PRO A 90 -17.00 -17.23 -5.31
CA PRO A 90 -16.11 -17.73 -6.35
C PRO A 90 -16.85 -17.84 -7.69
N ASP A 91 -18.18 -17.90 -7.67
CA ASP A 91 -18.83 -18.02 -8.99
C ASP A 91 -18.68 -16.79 -9.91
N ASN A 92 -18.68 -15.60 -9.30
CA ASN A 92 -18.39 -14.39 -10.02
C ASN A 92 -16.95 -14.41 -10.57
N LEU A 93 -15.99 -14.86 -9.77
CA LEU A 93 -14.66 -15.08 -10.30
C LEU A 93 -14.62 -16.08 -11.44
N ARG A 94 -15.40 -17.15 -11.37
CA ARG A 94 -15.35 -18.13 -12.45
C ARG A 94 -15.98 -17.61 -13.71
N LYS A 95 -16.90 -16.64 -13.60
CA LYS A 95 -17.34 -15.95 -14.80
C LYS A 95 -16.18 -15.25 -15.50
N GLY A 96 -15.28 -14.64 -14.73
CA GLY A 96 -14.06 -14.10 -15.31
C GLY A 96 -13.20 -15.18 -15.96
N ILE A 97 -13.02 -16.31 -15.30
CA ILE A 97 -12.24 -17.40 -15.89
C ILE A 97 -12.83 -17.78 -17.25
N GLU A 98 -14.16 -17.91 -17.30
CA GLU A 98 -14.85 -18.33 -18.50
C GLU A 98 -14.52 -17.37 -19.63
N LEU A 99 -14.61 -16.06 -19.36
CA LEU A 99 -14.34 -15.07 -20.41
C LEU A 99 -12.91 -15.21 -20.89
N ALA A 100 -12.00 -15.40 -19.95
CA ALA A 100 -10.56 -15.56 -20.27
C ALA A 100 -10.24 -16.80 -21.11
N VAL A 101 -10.82 -17.92 -20.71
CA VAL A 101 -10.67 -19.15 -21.47
C VAL A 101 -11.27 -19.02 -22.88
N ALA A 102 -12.43 -18.39 -22.99
CA ALA A 102 -13.11 -18.27 -24.29
C ALA A 102 -12.25 -17.42 -25.23
N GLU A 103 -11.64 -16.36 -24.72
CA GLU A 103 -10.90 -15.43 -25.58
CA GLU A 103 -10.90 -15.43 -25.58
C GLU A 103 -9.55 -16.01 -26.02
N THR A 104 -8.83 -16.54 -25.05
CA THR A 104 -7.49 -17.09 -25.27
C THR A 104 -7.56 -18.49 -25.89
N LYS A 105 -8.70 -19.15 -25.78
CA LYS A 105 -8.84 -20.57 -26.15
C LYS A 105 -7.85 -21.45 -25.37
N GLN A 106 -7.48 -21.00 -24.16
CA GLN A 106 -6.49 -21.70 -23.31
C GLN A 106 -7.02 -21.92 -21.92
N SER A 107 -6.89 -23.13 -21.41
CA SER A 107 -7.23 -23.33 -20.01
C SER A 107 -6.26 -22.50 -19.18
N VAL A 108 -6.79 -21.92 -18.12
CA VAL A 108 -5.91 -21.31 -17.10
C VAL A 108 -4.95 -22.32 -16.46
N THR A 109 -3.68 -21.95 -16.32
CA THR A 109 -2.65 -22.84 -15.76
C THR A 109 -2.10 -22.33 -14.39
N CYS A 110 -2.43 -21.11 -14.03
CA CYS A 110 -1.89 -20.53 -12.79
C CYS A 110 -2.81 -19.33 -12.43
N ILE A 111 -3.05 -19.07 -11.16
CA ILE A 111 -3.79 -17.86 -10.73
C ILE A 111 -2.92 -17.00 -9.82
N ILE A 112 -2.86 -15.69 -10.11
CA ILE A 112 -2.27 -14.77 -9.18
C ILE A 112 -3.41 -13.93 -8.71
N ALA A 113 -3.52 -13.77 -7.38
CA ALA A 113 -4.60 -12.96 -6.82
C ALA A 113 -4.13 -12.13 -5.64
N ASP A 114 -4.69 -10.93 -5.53
CA ASP A 114 -4.46 -10.12 -4.33
C ASP A 114 -4.94 -11.04 -3.19
N ALA A 115 -4.15 -11.15 -2.11
CA ALA A 115 -4.46 -12.09 -1.01
C ALA A 115 -5.89 -11.87 -0.44
N PHE A 116 -6.43 -10.66 -0.50
CA PHE A 116 -7.79 -10.42 0.07
C PHE A 116 -8.90 -11.10 -0.74
N VAL A 117 -8.58 -11.48 -1.99
CA VAL A 117 -9.63 -12.14 -2.81
C VAL A 117 -9.54 -13.65 -2.50
N THR A 118 -9.95 -14.03 -1.28
CA THR A 118 -9.68 -15.40 -0.85
C THR A 118 -10.52 -16.40 -1.63
N SER A 119 -11.66 -15.98 -2.14
CA SER A 119 -12.47 -16.90 -2.99
C SER A 119 -11.72 -17.42 -4.24
N SER A 120 -10.66 -16.73 -4.65
CA SER A 120 -9.93 -17.15 -5.85
C SER A 120 -9.06 -18.36 -5.54
N LEU A 121 -8.82 -18.60 -4.25
CA LEU A 121 -8.20 -19.86 -3.86
C LEU A 121 -9.08 -21.07 -4.18
N LEU A 122 -10.36 -20.93 -3.88
CA LEU A 122 -11.33 -21.96 -4.23
C LEU A 122 -11.37 -22.17 -5.72
N VAL A 123 -11.29 -21.09 -6.48
CA VAL A 123 -11.24 -21.17 -7.93
C VAL A 123 -9.99 -21.96 -8.40
N ALA A 124 -8.81 -21.63 -7.88
CA ALA A 124 -7.57 -22.36 -8.24
C ALA A 124 -7.71 -23.85 -7.94
N GLN A 125 -8.28 -24.12 -6.76
CA GLN A 125 -8.46 -25.51 -6.36
C GLN A 125 -9.38 -26.32 -7.27
N THR A 126 -10.50 -25.74 -7.64
CA THR A 126 -11.37 -26.33 -8.65
C THR A 126 -10.65 -26.65 -9.98
N LEU A 127 -9.82 -25.72 -10.42
CA LEU A 127 -9.12 -25.87 -11.68
C LEU A 127 -7.90 -26.79 -11.55
N ASN A 128 -7.53 -27.09 -10.32
CA ASN A 128 -6.32 -27.77 -9.97
C ASN A 128 -5.09 -27.04 -10.47
N VAL A 129 -5.04 -25.73 -10.27
CA VAL A 129 -3.84 -24.91 -10.63
C VAL A 129 -3.24 -24.27 -9.39
N PRO A 130 -1.95 -23.89 -9.44
CA PRO A 130 -1.37 -23.16 -8.30
C PRO A 130 -2.05 -21.80 -8.08
N TRP A 131 -2.12 -21.39 -6.82
CA TRP A 131 -2.66 -20.11 -6.44
C TRP A 131 -1.51 -19.31 -5.86
N ILE A 132 -1.20 -18.16 -6.47
CA ILE A 132 -0.12 -17.30 -5.98
C ILE A 132 -0.79 -16.08 -5.35
N ALA A 133 -0.55 -15.84 -4.04
CA ALA A 133 -1.16 -14.71 -3.33
C ALA A 133 -0.23 -13.49 -3.37
N PHE A 134 -0.80 -12.33 -3.72
CA PHE A 134 0.00 -11.11 -3.80
C PHE A 134 -0.35 -10.24 -2.60
N TRP A 135 0.70 -9.66 -1.98
CA TRP A 135 0.53 -8.87 -0.74
C TRP A 135 1.07 -7.46 -0.89
N PRO A 136 0.18 -6.48 -1.21
CA PRO A 136 0.60 -5.12 -1.40
C PRO A 136 0.52 -4.30 -0.11
N ASN A 137 -0.02 -4.86 0.96
CA ASN A 137 -0.09 -4.10 2.23
C ASN A 137 1.23 -4.15 2.99
N VAL A 138 1.26 -3.50 4.13
CA VAL A 138 2.47 -3.49 4.99
CA VAL A 138 2.49 -3.49 4.94
C VAL A 138 2.94 -4.93 5.18
N SER A 139 4.20 -5.19 4.86
CA SER A 139 4.75 -6.54 4.84
C SER A 139 4.58 -7.23 6.22
N CYS A 140 4.88 -6.50 7.29
CA CYS A 140 4.82 -7.04 8.66
C CYS A 140 3.43 -7.44 9.13
N SER A 141 2.38 -6.90 8.51
CA SER A 141 1.08 -7.29 8.96
C SER A 141 0.73 -8.74 8.62
N LEU A 142 1.47 -9.41 7.73
CA LEU A 142 1.24 -10.88 7.47
C LEU A 142 1.24 -11.70 8.77
N SER A 143 2.14 -11.32 9.68
CA SER A 143 2.37 -12.12 10.89
C SER A 143 1.12 -12.10 11.81
N LEU A 144 0.40 -10.98 11.79
CA LEU A 144 -0.80 -10.85 12.65
C LEU A 144 -1.84 -11.91 12.39
N TYR A 145 -1.99 -12.28 11.12
CA TYR A 145 -3.02 -13.23 10.72
C TYR A 145 -2.78 -14.69 11.13
N PHE A 146 -1.58 -15.00 11.62
CA PHE A 146 -1.25 -16.34 12.15
C PHE A 146 -1.33 -16.36 13.68
N ASN A 147 -1.81 -15.26 14.26
CA ASN A 147 -1.72 -15.09 15.70
C ASN A 147 -2.93 -14.33 16.24
N ILE A 148 -4.06 -14.47 15.56
CA ILE A 148 -5.25 -13.75 15.96
C ILE A 148 -5.71 -14.00 17.41
N ASP A 149 -5.72 -15.26 17.83
CA ASP A 149 -6.17 -15.57 19.21
C ASP A 149 -5.26 -14.97 20.26
N LEU A 150 -3.94 -15.06 20.05
CA LEU A 150 -3.03 -14.43 21.01
C LEU A 150 -3.25 -12.93 21.02
N ILE A 151 -3.41 -12.36 19.82
CA ILE A 151 -3.49 -10.92 19.67
C ILE A 151 -4.78 -10.42 20.32
N ARG A 152 -5.89 -11.06 20.00
CA ARG A 152 -7.17 -10.73 20.65
C ARG A 152 -7.10 -10.80 22.16
N ASP A 153 -6.57 -11.90 22.69
CA ASP A 153 -6.38 -12.05 24.13
C ASP A 153 -5.53 -10.92 24.73
N LYS A 154 -4.41 -10.59 24.10
CA LYS A 154 -3.56 -9.51 24.60
C LYS A 154 -4.24 -8.15 24.59
N CYS A 155 -4.87 -7.82 23.46
CA CYS A 155 -5.57 -6.54 23.29
C CYS A 155 -6.70 -6.36 24.28
N SER A 156 -7.34 -7.45 24.65
CA SER A 156 -8.41 -7.32 25.61
C SER A 156 -7.90 -7.28 27.06
N LYS A 157 -6.75 -7.88 27.36
CA LYS A 157 -6.31 -8.04 28.79
C LYS A 157 -5.18 -7.12 29.25
N ASP A 158 -4.28 -6.74 28.34
CA ASP A 158 -2.99 -6.12 28.70
C ASP A 158 -3.10 -4.62 28.42
N ALA A 159 -2.05 -3.86 28.74
CA ALA A 159 -2.05 -2.38 28.58
C ALA A 159 -1.94 -1.96 27.11
N LYS A 160 -2.28 -0.70 26.82
CA LYS A 160 -2.30 -0.25 25.42
C LYS A 160 -0.91 -0.22 24.82
N ASN A 161 0.08 0.11 25.63
CA ASN A 161 1.45 0.09 25.14
C ASN A 161 2.18 -1.25 25.25
N ALA A 162 1.49 -2.33 25.62
CA ALA A 162 2.20 -3.61 25.87
C ALA A 162 2.70 -4.15 24.54
N THR A 163 3.88 -4.75 24.55
CA THR A 163 4.48 -5.22 23.29
C THR A 163 4.00 -6.65 22.90
N LEU A 164 4.06 -6.93 21.60
CA LEU A 164 3.59 -8.21 21.08
C LEU A 164 4.82 -9.11 20.89
N ASP A 165 5.47 -9.46 21.99
CA ASP A 165 6.76 -10.15 21.93
C ASP A 165 6.64 -11.53 21.33
N PHE A 166 5.40 -12.04 21.26
CA PHE A 166 5.16 -13.38 20.72
C PHE A 166 5.27 -13.47 19.21
N LEU A 167 5.42 -12.30 18.56
CA LEU A 167 5.59 -12.24 17.12
C LEU A 167 7.07 -12.15 16.78
N PRO A 168 7.63 -13.21 16.20
CA PRO A 168 9.08 -13.10 16.04
C PRO A 168 9.48 -11.91 15.15
N GLY A 169 10.50 -11.19 15.60
CA GLY A 169 11.02 -10.05 14.84
C GLY A 169 10.18 -8.77 14.97
N LEU A 170 9.00 -8.89 15.59
CA LEU A 170 8.03 -7.78 15.69
C LEU A 170 7.69 -7.42 17.11
N SER A 171 8.64 -7.58 18.01
CA SER A 171 8.40 -7.27 19.39
C SER A 171 8.21 -5.76 19.65
N LYS A 172 8.56 -4.92 18.67
CA LYS A 172 8.31 -3.47 18.81
C LYS A 172 6.83 -3.13 18.57
N LEU A 173 6.07 -4.01 17.91
CA LEU A 173 4.62 -3.77 17.74
C LEU A 173 3.88 -3.80 19.09
N ARG A 174 2.86 -2.98 19.21
CA ARG A 174 2.14 -2.82 20.48
C ARG A 174 0.65 -3.06 20.26
N VAL A 175 -0.03 -3.34 21.39
CA VAL A 175 -1.46 -3.57 21.37
C VAL A 175 -2.15 -2.46 20.61
N GLU A 176 -1.77 -1.21 20.88
CA GLU A 176 -2.44 -0.05 20.26
C GLU A 176 -2.23 0.04 18.75
N ASP A 177 -1.25 -0.70 18.21
CA ASP A 177 -1.00 -0.69 16.77
C ASP A 177 -1.90 -1.67 16.01
N VAL A 178 -2.57 -2.58 16.72
CA VAL A 178 -3.26 -3.70 16.05
C VAL A 178 -4.48 -3.20 15.24
N PRO A 179 -4.70 -3.71 14.01
CA PRO A 179 -5.88 -3.18 13.27
C PRO A 179 -7.18 -3.51 14.01
N GLN A 180 -8.06 -2.51 14.17
CA GLN A 180 -9.30 -2.76 14.90
C GLN A 180 -10.12 -3.87 14.22
N ASP A 181 -10.04 -3.99 12.90
CA ASP A 181 -10.87 -4.99 12.18
C ASP A 181 -10.58 -6.39 12.71
N MET A 182 -9.36 -6.63 13.11
CA MET A 182 -9.03 -8.00 13.49
C MET A 182 -9.48 -8.32 14.92
N LEU A 183 -9.84 -7.29 15.68
CA LEU A 183 -10.34 -7.45 17.06
C LEU A 183 -11.88 -7.54 17.14
N ASP A 184 -12.58 -6.92 16.17
CA ASP A 184 -14.04 -6.83 16.21
C ASP A 184 -14.67 -8.21 16.20
N VAL A 185 -15.61 -8.42 17.11
CA VAL A 185 -16.32 -9.67 17.25
C VAL A 185 -17.81 -9.36 17.40
N GLY A 186 -18.63 -9.97 16.56
CA GLY A 186 -20.08 -9.84 16.70
C GLY A 186 -20.61 -8.94 15.61
N GLU A 187 -21.55 -8.08 15.98
CA GLU A 187 -22.18 -7.15 15.05
C GLU A 187 -21.16 -6.27 14.30
N LYS A 188 -20.04 -5.97 14.95
CA LYS A 188 -19.07 -5.14 14.30
C LYS A 188 -18.23 -5.86 13.22
N GLU A 189 -18.27 -7.19 13.17
CA GLU A 189 -17.49 -7.88 12.09
C GLU A 189 -18.12 -7.58 10.76
N THR A 190 -17.30 -7.51 9.74
CA THR A 190 -17.82 -7.37 8.39
C THR A 190 -17.36 -8.55 7.58
N LEU A 191 -17.89 -8.71 6.36
CA LEU A 191 -17.37 -9.73 5.48
C LEU A 191 -15.88 -9.45 5.22
N PHE A 192 -15.54 -8.17 5.12
CA PHE A 192 -14.16 -7.80 4.84
C PHE A 192 -13.28 -8.20 6.03
N SER A 193 -13.68 -7.88 7.26
CA SER A 193 -12.82 -8.30 8.40
C SER A 193 -12.72 -9.82 8.53
N ARG A 194 -13.82 -10.52 8.29
CA ARG A 194 -13.84 -11.98 8.37
CA ARG A 194 -13.83 -11.98 8.36
C ARG A 194 -12.91 -12.58 7.30
N THR A 195 -12.88 -11.97 6.12
CA THR A 195 -11.99 -12.42 5.05
C THR A 195 -10.51 -12.27 5.46
N LEU A 196 -10.16 -11.12 6.03
CA LEU A 196 -8.78 -10.92 6.41
C LEU A 196 -8.48 -11.90 7.54
N ASN A 197 -9.40 -12.04 8.50
CA ASN A 197 -9.08 -12.95 9.59
C ASN A 197 -8.92 -14.41 9.16
N SER A 198 -9.32 -14.78 7.94
CA SER A 198 -9.12 -16.15 7.45
C SER A 198 -7.73 -16.35 6.84
N LEU A 199 -6.97 -15.28 6.73
CA LEU A 199 -5.67 -15.39 6.01
C LEU A 199 -4.68 -16.39 6.63
N GLY A 200 -4.65 -16.52 7.94
CA GLY A 200 -3.80 -17.56 8.58
C GLY A 200 -4.06 -18.98 8.04
N VAL A 201 -5.29 -19.24 7.60
CA VAL A 201 -5.61 -20.56 7.13
C VAL A 201 -5.54 -20.60 5.59
N VAL A 202 -5.77 -19.45 4.95
CA VAL A 202 -5.78 -19.34 3.48
C VAL A 202 -4.34 -19.31 2.92
N LEU A 203 -3.47 -18.52 3.52
CA LEU A 203 -2.17 -18.23 2.86
C LEU A 203 -1.22 -19.45 2.77
N PRO A 204 -1.22 -20.36 3.77
CA PRO A 204 -0.40 -21.55 3.61
C PRO A 204 -0.82 -22.46 2.43
N GLN A 205 -2.01 -22.24 1.87
CA GLN A 205 -2.47 -23.04 0.72
C GLN A 205 -1.92 -22.49 -0.59
N ALA A 206 -1.29 -21.31 -0.55
CA ALA A 206 -0.73 -20.71 -1.77
C ALA A 206 0.56 -21.41 -2.14
N LYS A 207 0.71 -21.70 -3.44
CA LYS A 207 2.00 -22.13 -4.00
C LYS A 207 3.12 -21.13 -3.65
N ALA A 208 2.80 -19.85 -3.68
CA ALA A 208 3.75 -18.84 -3.18
C ALA A 208 3.00 -17.61 -2.74
N VAL A 209 3.62 -16.84 -1.84
CA VAL A 209 3.13 -15.51 -1.50
C VAL A 209 4.16 -14.49 -1.94
N VAL A 210 3.73 -13.52 -2.77
CA VAL A 210 4.63 -12.56 -3.36
C VAL A 210 4.37 -11.25 -2.60
N VAL A 211 5.42 -10.78 -1.92
CA VAL A 211 5.29 -9.56 -1.15
C VAL A 211 5.81 -8.38 -1.99
N ASN A 212 5.04 -7.28 -2.00
CA ASN A 212 5.36 -6.09 -2.80
C ASN A 212 6.31 -5.14 -2.07
N PHE A 213 7.48 -5.63 -1.67
CA PHE A 213 8.34 -4.82 -0.81
C PHE A 213 9.80 -5.28 -0.91
N PHE A 214 10.66 -4.77 -0.02
CA PHE A 214 12.09 -5.05 -0.06
C PHE A 214 12.43 -5.95 1.13
N ALA A 215 12.78 -7.21 0.84
CA ALA A 215 13.09 -8.20 1.85
C ALA A 215 14.13 -7.63 2.86
N GLU A 216 15.10 -6.88 2.34
CA GLU A 216 16.19 -6.37 3.14
C GLU A 216 15.75 -5.39 4.20
N LEU A 217 14.51 -4.90 4.12
CA LEU A 217 13.98 -3.93 5.09
C LEU A 217 13.06 -4.54 6.14
N ASP A 218 12.59 -5.74 5.89
CA ASP A 218 11.78 -6.43 6.88
C ASP A 218 12.71 -7.06 7.93
N PRO A 219 12.25 -7.16 9.19
CA PRO A 219 13.12 -7.73 10.22
C PRO A 219 13.40 -9.20 9.87
N PRO A 220 14.70 -9.57 9.83
CA PRO A 220 15.05 -10.91 9.37
C PRO A 220 14.34 -12.06 10.11
N LEU A 221 14.08 -11.89 11.41
CA LEU A 221 13.30 -12.92 12.14
C LEU A 221 11.84 -12.99 11.73
N PHE A 222 11.27 -11.85 11.34
CA PHE A 222 9.94 -11.89 10.74
C PHE A 222 9.94 -12.63 9.41
N VAL A 223 10.96 -12.42 8.57
CA VAL A 223 11.04 -13.15 7.29
C VAL A 223 11.11 -14.66 7.54
N LYS A 224 12.02 -15.07 8.44
CA LYS A 224 12.18 -16.48 8.83
C LYS A 224 10.90 -17.06 9.40
N TYR A 225 10.23 -16.32 10.28
CA TYR A 225 8.92 -16.71 10.72
C TYR A 225 7.92 -16.95 9.57
N MET A 226 7.76 -16.01 8.63
CA MET A 226 6.81 -16.21 7.57
C MET A 226 7.23 -17.35 6.63
N ARG A 227 8.53 -17.55 6.43
CA ARG A 227 8.93 -18.70 5.64
C ARG A 227 8.47 -20.00 6.26
N SER A 228 8.50 -20.08 7.59
CA SER A 228 8.02 -21.30 8.29
C SER A 228 6.50 -21.54 8.18
N LYS A 229 5.75 -20.55 7.77
CA LYS A 229 4.29 -20.64 7.65
C LYS A 229 3.83 -20.93 6.24
N LEU A 230 4.69 -20.59 5.27
CA LEU A 230 4.20 -20.54 3.89
C LEU A 230 4.94 -21.54 3.01
N GLN A 231 4.33 -21.89 1.87
CA GLN A 231 5.00 -22.81 0.94
C GLN A 231 6.22 -22.16 0.32
N SER A 232 6.07 -20.88 -0.01
CA SER A 232 7.19 -20.11 -0.57
C SER A 232 6.89 -18.62 -0.36
N LEU A 233 7.88 -17.88 0.11
CA LEU A 233 7.78 -16.42 0.28
C LEU A 233 8.72 -15.71 -0.68
N LEU A 234 8.15 -14.93 -1.60
CA LEU A 234 8.94 -14.27 -2.63
C LEU A 234 8.75 -12.73 -2.54
N TYR A 235 9.85 -11.98 -2.66
CA TYR A 235 9.70 -10.53 -2.66
C TYR A 235 9.99 -10.07 -4.07
N VAL A 236 9.12 -9.22 -4.62
CA VAL A 236 9.39 -8.61 -5.92
C VAL A 236 9.32 -7.10 -5.71
N VAL A 237 10.35 -6.41 -6.22
CA VAL A 237 10.58 -5.00 -5.94
C VAL A 237 9.35 -4.20 -6.41
N PRO A 238 8.84 -3.28 -5.57
CA PRO A 238 7.55 -2.61 -5.86
C PRO A 238 7.66 -1.42 -6.79
N LEU A 239 8.88 -0.99 -7.06
CA LEU A 239 9.16 0.14 -7.96
C LEU A 239 8.42 -0.07 -9.26
N PRO A 240 7.94 1.03 -9.88
CA PRO A 240 7.15 0.87 -11.10
C PRO A 240 8.00 0.56 -12.33
N CYS A 241 7.55 -0.40 -13.13
CA CYS A 241 8.19 -0.58 -14.44
C CYS A 241 7.83 0.59 -15.39
N PRO A 242 8.70 0.85 -16.38
CA PRO A 242 8.42 2.00 -17.26
C PRO A 242 6.99 1.95 -17.85
N GLN A 243 6.47 0.75 -18.12
CA GLN A 243 5.15 0.62 -18.75
C GLN A 243 4.00 1.02 -17.81
N LEU A 244 4.23 1.00 -16.49
CA LEU A 244 3.18 1.39 -15.54
C LEU A 244 2.86 2.88 -15.58
N LEU A 245 3.87 3.68 -15.92
CA LEU A 245 3.78 5.12 -15.71
C LEU A 245 3.02 5.78 -16.85
N LEU A 246 2.12 6.70 -16.51
CA LEU A 246 1.48 7.55 -17.50
C LEU A 246 1.90 9.01 -17.25
N PRO A 247 2.64 9.61 -18.20
CA PRO A 247 3.13 10.99 -18.01
C PRO A 247 2.03 11.95 -17.53
N GLU A 248 2.42 12.95 -16.72
CA GLU A 248 1.45 13.94 -16.21
C GLU A 248 1.98 15.36 -16.30
N ILE A 249 1.12 16.23 -16.81
CA ILE A 249 1.29 17.66 -16.70
C ILE A 249 1.13 18.04 -15.22
N ASP A 250 2.25 18.43 -14.63
CA ASP A 250 2.34 18.96 -13.26
C ASP A 250 1.62 20.32 -13.30
N SER A 251 0.29 20.28 -13.24
CA SER A 251 -0.54 21.47 -13.47
C SER A 251 -0.24 22.60 -12.46
N ASN A 252 0.32 22.21 -11.31
CA ASN A 252 0.61 23.12 -10.19
C ASN A 252 2.08 23.62 -10.10
N GLY A 253 2.91 23.14 -11.00
CA GLY A 253 4.35 23.52 -11.00
C GLY A 253 5.08 23.14 -9.70
N CYS A 254 4.71 22.01 -9.13
CA CYS A 254 5.28 21.60 -7.84
C CYS A 254 6.74 21.49 -7.93
N LEU A 255 7.19 20.85 -9.01
CA LEU A 255 8.58 20.47 -9.09
C LEU A 255 9.42 21.71 -9.22
N SER A 256 8.99 22.62 -10.08
CA SER A 256 9.72 23.82 -10.29
C SER A 256 9.69 24.71 -9.03
N TRP A 257 8.53 24.83 -8.41
CA TRP A 257 8.43 25.39 -7.05
C TRP A 257 9.43 24.73 -6.08
N LEU A 258 9.45 23.40 -6.04
CA LEU A 258 10.44 22.73 -5.18
C LEU A 258 11.89 23.10 -5.53
N ASP A 259 12.18 23.33 -6.82
CA ASP A 259 13.55 23.68 -7.30
C ASP A 259 14.06 24.95 -6.66
N SER A 260 13.14 25.83 -6.33
CA SER A 260 13.46 27.11 -5.73
C SER A 260 13.67 26.99 -4.23
N LYS A 261 13.41 25.80 -3.65
CA LYS A 261 13.61 25.60 -2.20
C LYS A 261 14.95 24.95 -1.87
N SER A 262 15.38 25.05 -0.61
CA SER A 262 16.66 24.46 -0.24
CA SER A 262 16.65 24.47 -0.17
C SER A 262 16.53 22.97 0.08
N SER A 263 17.65 22.26 -0.02
CA SER A 263 17.71 20.83 0.32
CA SER A 263 17.68 20.83 0.31
C SER A 263 16.98 20.48 1.62
N ARG A 264 16.12 19.46 1.57
CA ARG A 264 15.50 18.85 2.77
C ARG A 264 14.82 19.89 3.66
N SER A 265 14.22 20.91 3.04
CA SER A 265 13.56 21.96 3.82
C SER A 265 12.04 21.95 3.82
N VAL A 266 11.43 21.21 2.89
CA VAL A 266 9.99 21.37 2.63
C VAL A 266 9.20 20.25 3.28
N ALA A 267 8.04 20.55 3.88
CA ALA A 267 7.17 19.45 4.37
C ALA A 267 6.13 19.10 3.30
N TYR A 268 6.09 17.82 2.90
CA TYR A 268 5.06 17.35 1.97
C TYR A 268 4.03 16.64 2.77
N VAL A 269 2.77 17.05 2.63
CA VAL A 269 1.70 16.55 3.48
C VAL A 269 0.65 15.90 2.58
N CYS A 270 0.29 14.66 2.87
CA CYS A 270 -0.81 14.02 2.11
C CYS A 270 -1.46 12.90 2.93
N PHE A 271 -2.77 12.97 3.03
CA PHE A 271 -3.52 11.88 3.68
C PHE A 271 -4.06 10.80 2.74
N GLY A 272 -3.58 10.74 1.51
CA GLY A 272 -4.12 9.73 0.57
C GLY A 272 -5.61 9.97 0.29
N THR A 273 -6.23 9.12 -0.50
CA THR A 273 -7.57 9.43 -1.00
C THR A 273 -8.73 8.63 -0.38
N VAL A 274 -8.43 7.72 0.54
CA VAL A 274 -9.50 6.98 1.23
C VAL A 274 -9.84 7.59 2.60
N VAL A 275 -8.82 8.06 3.32
CA VAL A 275 -8.98 8.79 4.58
C VAL A 275 -9.68 10.11 4.32
N SER A 276 -10.71 10.40 5.09
CA SER A 276 -11.03 11.79 5.36
C SER A 276 -10.69 12.07 6.82
N PRO A 277 -9.64 12.89 7.06
CA PRO A 277 -9.33 13.16 8.46
C PRO A 277 -10.52 13.85 9.07
N PRO A 278 -10.74 13.66 10.38
CA PRO A 278 -11.71 14.49 11.09
C PRO A 278 -11.46 15.96 10.77
N PRO A 279 -12.53 16.75 10.60
CA PRO A 279 -12.35 18.15 10.25
C PRO A 279 -11.40 18.88 11.22
N GLN A 280 -11.47 18.56 12.51
CA GLN A 280 -10.64 19.31 13.47
C GLN A 280 -9.16 18.99 13.29
N GLU A 281 -8.85 17.82 12.72
CA GLU A 281 -7.44 17.52 12.44
C GLU A 281 -6.97 18.25 11.19
N VAL A 282 -7.88 18.44 10.23
CA VAL A 282 -7.54 19.25 9.08
C VAL A 282 -7.21 20.67 9.51
N VAL A 283 -8.04 21.26 10.37
CA VAL A 283 -7.75 22.58 10.88
C VAL A 283 -6.40 22.60 11.63
N ALA A 284 -6.14 21.55 12.41
CA ALA A 284 -4.91 21.44 13.19
C ALA A 284 -3.69 21.43 12.27
N VAL A 285 -3.79 20.62 11.22
CA VAL A 285 -2.67 20.48 10.28
C VAL A 285 -2.39 21.86 9.65
N ALA A 286 -3.45 22.57 9.23
CA ALA A 286 -3.24 23.91 8.66
C ALA A 286 -2.62 24.92 9.68
N GLU A 287 -3.15 24.92 10.91
CA GLU A 287 -2.61 25.84 11.94
C GLU A 287 -1.13 25.58 12.18
N ALA A 288 -0.81 24.30 12.33
CA ALA A 288 0.59 23.85 12.59
C ALA A 288 1.49 24.24 11.43
N LEU A 289 1.03 23.97 10.21
CA LEU A 289 1.83 24.35 9.05
C LEU A 289 2.11 25.85 9.03
N GLU A 290 1.07 26.67 9.18
CA GLU A 290 1.25 28.13 9.17
C GLU A 290 2.17 28.55 10.30
N GLU A 291 1.89 28.09 11.51
CA GLU A 291 2.71 28.53 12.62
CA GLU A 291 2.69 28.43 12.70
C GLU A 291 4.15 28.03 12.54
N SER A 292 4.39 26.85 11.96
CA SER A 292 5.78 26.34 11.81
C SER A 292 6.69 27.28 11.01
N GLY A 293 6.13 28.02 10.07
CA GLY A 293 6.94 28.85 9.17
C GLY A 293 7.64 28.06 8.05
N PHE A 294 7.57 26.73 8.07
CA PHE A 294 8.32 25.90 7.10
C PHE A 294 7.63 25.95 5.74
N PRO A 295 8.39 25.79 4.66
CA PRO A 295 7.78 25.64 3.34
C PRO A 295 7.06 24.31 3.25
N PHE A 296 5.92 24.26 2.56
CA PHE A 296 5.16 23.03 2.54
C PHE A 296 4.39 22.86 1.23
N VAL A 297 4.15 21.60 0.86
CA VAL A 297 3.24 21.27 -0.24
C VAL A 297 2.19 20.35 0.37
N TRP A 298 0.92 20.72 0.31
CA TRP A 298 -0.11 19.87 0.91
C TRP A 298 -1.07 19.49 -0.20
N ALA A 299 -1.09 18.21 -0.53
CA ALA A 299 -2.02 17.67 -1.49
C ALA A 299 -3.28 17.37 -0.68
N LEU A 300 -4.33 18.13 -0.95
CA LEU A 300 -5.52 18.18 -0.13
C LEU A 300 -6.75 18.17 -1.05
N LYS A 301 -7.72 17.30 -0.75
CA LYS A 301 -8.94 17.28 -1.55
C LYS A 301 -9.64 18.61 -1.60
N GLU A 302 -10.20 18.90 -2.78
CA GLU A 302 -10.91 20.11 -3.03
C GLU A 302 -12.01 20.33 -1.97
N SER A 303 -12.72 19.26 -1.63
CA SER A 303 -13.92 19.37 -0.82
C SER A 303 -13.50 19.77 0.59
N LEU A 304 -12.18 19.78 0.86
CA LEU A 304 -11.71 20.14 2.19
C LEU A 304 -11.24 21.60 2.30
N LEU A 305 -11.21 22.31 1.17
CA LEU A 305 -10.77 23.70 1.23
C LEU A 305 -11.63 24.59 2.12
N SER A 306 -12.95 24.36 2.12
CA SER A 306 -13.87 25.22 2.85
C SER A 306 -13.73 25.06 4.35
N ILE A 307 -13.05 24.01 4.82
CA ILE A 307 -12.87 23.93 6.26
C ILE A 307 -11.51 24.43 6.76
N LEU A 308 -10.62 24.79 5.85
CA LEU A 308 -9.36 25.44 6.24
C LEU A 308 -9.63 26.76 6.96
N PRO A 309 -8.78 27.12 7.95
CA PRO A 309 -8.97 28.39 8.60
C PRO A 309 -9.13 29.54 7.57
N LYS A 310 -10.04 30.47 7.83
CA LYS A 310 -10.12 31.67 6.95
C LYS A 310 -8.78 32.35 6.76
N GLY A 311 -8.42 32.58 5.50
CA GLY A 311 -7.16 33.20 5.15
C GLY A 311 -5.87 32.39 5.25
N PHE A 312 -5.95 31.13 5.67
CA PHE A 312 -4.74 30.32 5.81
C PHE A 312 -4.00 30.14 4.47
N VAL A 313 -4.74 29.85 3.40
CA VAL A 313 -4.05 29.55 2.12
C VAL A 313 -3.43 30.85 1.62
N GLU A 314 -4.21 31.93 1.75
CA GLU A 314 -3.73 33.23 1.36
C GLU A 314 -2.51 33.69 2.17
N ARG A 315 -2.57 33.61 3.49
CA ARG A 315 -1.43 34.06 4.30
C ARG A 315 -0.16 33.24 4.02
N THR A 316 -0.32 31.94 3.69
CA THR A 316 0.83 31.05 3.49
C THR A 316 1.25 30.90 2.03
N SER A 317 0.63 31.66 1.14
CA SER A 317 0.80 31.46 -0.29
C SER A 317 2.24 31.70 -0.74
N THR A 318 3.01 32.50 0.02
CA THR A 318 4.35 32.84 -0.44
C THR A 318 5.37 31.80 0.04
N ARG A 319 4.92 30.80 0.83
CA ARG A 319 5.81 29.74 1.30
C ARG A 319 5.25 28.34 1.20
N GLY A 320 4.00 28.23 0.78
CA GLY A 320 3.28 26.93 0.81
C GLY A 320 2.43 26.78 -0.42
N LYS A 321 2.20 25.54 -0.84
CA LYS A 321 1.32 25.24 -1.96
C LYS A 321 0.24 24.29 -1.41
N VAL A 322 -1.03 24.67 -1.53
CA VAL A 322 -2.13 23.76 -1.15
C VAL A 322 -2.83 23.37 -2.46
N VAL A 323 -2.71 22.10 -2.85
CA VAL A 323 -3.15 21.70 -4.19
C VAL A 323 -3.96 20.40 -4.14
N SER A 324 -4.73 20.15 -5.19
CA SER A 324 -5.61 18.98 -5.20
C SER A 324 -4.88 17.69 -5.54
N TRP A 325 -3.74 17.81 -6.21
CA TRP A 325 -3.01 16.65 -6.73
C TRP A 325 -1.57 17.01 -6.96
N VAL A 326 -0.66 16.10 -6.65
CA VAL A 326 0.74 16.29 -7.04
C VAL A 326 1.25 14.98 -7.65
N PRO A 327 2.31 15.06 -8.50
CA PRO A 327 3.02 13.85 -8.94
C PRO A 327 3.86 13.25 -7.77
N GLN A 328 3.23 12.44 -6.94
CA GLN A 328 3.80 12.17 -5.61
C GLN A 328 5.19 11.50 -5.71
N SER A 329 5.37 10.59 -6.69
CA SER A 329 6.66 9.91 -6.84
CA SER A 329 6.65 9.90 -6.87
C SER A 329 7.76 10.94 -7.15
N HIS A 330 7.43 11.92 -7.99
CA HIS A 330 8.40 12.97 -8.31
C HIS A 330 8.60 13.91 -7.16
N VAL A 331 7.52 14.23 -6.45
CA VAL A 331 7.67 15.11 -5.25
C VAL A 331 8.58 14.44 -4.20
N LEU A 332 8.28 13.18 -3.89
CA LEU A 332 9.07 12.43 -2.89
C LEU A 332 10.52 12.19 -3.32
N SER A 333 10.77 12.22 -4.62
CA SER A 333 12.13 12.10 -5.10
C SER A 333 12.88 13.43 -5.24
N HIS A 334 12.21 14.53 -4.88
CA HIS A 334 12.84 15.86 -4.95
C HIS A 334 13.66 16.17 -3.73
N GLY A 335 14.90 16.56 -3.93
CA GLY A 335 15.81 16.74 -2.81
C GLY A 335 15.41 17.86 -1.83
N SER A 336 14.52 18.78 -2.24
CA SER A 336 14.04 19.83 -1.33
C SER A 336 13.06 19.31 -0.29
N VAL A 337 12.50 18.14 -0.52
CA VAL A 337 11.56 17.60 0.48
C VAL A 337 12.31 17.01 1.70
N GLY A 338 12.02 17.54 2.90
CA GLY A 338 12.71 17.12 4.14
C GLY A 338 11.87 16.27 5.06
N VAL A 339 10.56 16.22 4.84
CA VAL A 339 9.69 15.35 5.67
C VAL A 339 8.41 15.07 4.88
N PHE A 340 7.84 13.86 5.07
CA PHE A 340 6.59 13.47 4.47
C PHE A 340 5.61 13.18 5.63
N VAL A 341 4.52 13.94 5.69
CA VAL A 341 3.52 13.79 6.73
C VAL A 341 2.43 12.92 6.13
N THR A 342 2.22 11.72 6.68
CA THR A 342 1.55 10.63 5.95
C THR A 342 0.61 9.82 6.87
N HIS A 343 -0.40 9.23 6.24
CA HIS A 343 -1.29 8.28 6.91
C HIS A 343 -0.67 6.88 6.90
N CYS A 344 0.45 6.72 6.20
CA CYS A 344 1.18 5.44 6.17
C CYS A 344 0.52 4.34 5.33
N GLY A 345 -0.22 4.71 4.29
CA GLY A 345 -0.54 3.78 3.19
C GLY A 345 0.71 3.10 2.62
N ALA A 346 0.59 1.85 2.18
CA ALA A 346 1.77 1.07 1.78
C ALA A 346 2.54 1.70 0.63
N ASN A 347 1.85 2.15 -0.42
CA ASN A 347 2.59 2.76 -1.53
C ASN A 347 3.28 4.04 -1.12
N SER A 348 2.59 4.86 -0.36
CA SER A 348 3.22 6.10 0.10
C SER A 348 4.46 5.81 0.94
N VAL A 349 4.39 4.80 1.81
CA VAL A 349 5.55 4.47 2.65
C VAL A 349 6.69 3.98 1.76
N MET A 350 6.36 3.17 0.78
CA MET A 350 7.39 2.62 -0.12
C MET A 350 8.10 3.75 -0.85
N GLU A 351 7.33 4.73 -1.35
CA GLU A 351 7.92 5.88 -2.05
C GLU A 351 8.78 6.71 -1.11
N SER A 352 8.33 6.86 0.14
CA SER A 352 9.11 7.70 1.04
C SER A 352 10.46 7.04 1.38
N VAL A 353 10.44 5.73 1.73
CA VAL A 353 11.67 5.11 2.20
C VAL A 353 12.64 4.97 1.03
N SER A 354 12.11 4.77 -0.17
CA SER A 354 13.00 4.50 -1.29
C SER A 354 13.67 5.80 -1.71
N ASN A 355 13.10 6.94 -1.33
CA ASN A 355 13.67 8.23 -1.62
C ASN A 355 14.39 8.92 -0.49
N GLY A 356 14.56 8.25 0.64
CA GLY A 356 15.28 8.85 1.78
C GLY A 356 14.53 9.99 2.48
N VAL A 357 13.21 9.92 2.49
CA VAL A 357 12.43 10.99 3.11
C VAL A 357 11.86 10.49 4.44
N PRO A 358 12.25 11.12 5.55
CA PRO A 358 11.76 10.71 6.86
C PRO A 358 10.32 11.17 7.05
N MET A 359 9.62 10.49 7.95
CA MET A 359 8.15 10.62 8.02
C MET A 359 7.61 11.10 9.36
N ILE A 360 6.52 11.88 9.32
CA ILE A 360 5.63 12.09 10.48
C ILE A 360 4.30 11.33 10.23
N CYS A 361 3.92 10.44 11.15
CA CYS A 361 2.89 9.43 10.87
C CYS A 361 1.63 9.71 11.67
N ARG A 362 0.49 9.70 11.00
CA ARG A 362 -0.81 9.66 11.70
C ARG A 362 -1.65 8.60 10.99
N PRO A 363 -1.51 7.34 11.40
CA PRO A 363 -2.26 6.23 10.81
C PRO A 363 -3.75 6.41 11.14
N PHE A 364 -4.60 6.11 10.18
CA PHE A 364 -6.02 6.36 10.35
C PHE A 364 -6.75 5.05 10.44
N PHE A 365 -6.43 4.12 9.56
CA PHE A 365 -7.23 2.90 9.57
C PHE A 365 -6.45 1.67 9.14
N GLY A 366 -7.08 0.49 9.27
CA GLY A 366 -6.53 -0.74 8.75
C GLY A 366 -5.17 -0.98 9.34
N ASP A 367 -4.25 -1.48 8.54
CA ASP A 367 -2.93 -1.78 9.07
C ASP A 367 -1.93 -0.66 8.97
N GLN A 368 -2.40 0.57 8.76
CA GLN A 368 -1.52 1.73 8.79
C GLN A 368 -0.81 1.92 10.12
N GLY A 369 -1.45 1.46 11.20
CA GLY A 369 -0.86 1.57 12.53
C GLY A 369 0.37 0.68 12.67
N ILE A 370 0.36 -0.45 11.98
CA ILE A 370 1.56 -1.31 11.90
C ILE A 370 2.70 -0.60 11.19
N ALA A 371 2.41 0.00 10.03
CA ALA A 371 3.41 0.70 9.28
C ALA A 371 4.01 1.84 10.08
N ALA A 372 3.16 2.58 10.79
CA ALA A 372 3.62 3.74 11.58
C ALA A 372 4.62 3.27 12.64
N ARG A 373 4.29 2.18 13.31
CA ARG A 373 5.15 1.60 14.38
C ARG A 373 6.49 1.13 13.78
N VAL A 374 6.43 0.44 12.64
CA VAL A 374 7.69 0.04 11.92
C VAL A 374 8.58 1.24 11.63
N ILE A 375 7.93 2.26 11.08
CA ILE A 375 8.64 3.50 10.76
C ILE A 375 9.34 4.13 11.98
N GLN A 376 8.60 4.31 13.08
CA GLN A 376 9.16 4.97 14.24
C GLN A 376 10.15 4.06 14.98
N ASP A 377 9.76 2.80 15.23
CA ASP A 377 10.48 1.96 16.26
C ASP A 377 11.42 0.88 15.71
N ILE A 378 11.23 0.51 14.45
CA ILE A 378 12.07 -0.52 13.81
C ILE A 378 13.07 0.11 12.83
N TRP A 379 12.57 0.74 11.76
CA TRP A 379 13.46 1.51 10.87
C TRP A 379 13.99 2.76 11.48
N GLU A 380 13.20 3.38 12.38
CA GLU A 380 13.57 4.64 13.01
C GLU A 380 13.85 5.71 11.94
N VAL A 381 12.94 5.82 10.96
CA VAL A 381 13.04 6.83 9.90
C VAL A 381 11.92 7.84 10.04
N GLY A 382 11.33 7.90 11.24
CA GLY A 382 10.18 8.82 11.42
C GLY A 382 9.62 8.76 12.84
N VAL A 383 8.56 9.52 13.08
CA VAL A 383 7.90 9.53 14.40
C VAL A 383 6.39 9.48 14.12
N ILE A 384 5.67 8.83 15.02
CA ILE A 384 4.23 9.00 15.07
C ILE A 384 3.95 10.37 15.70
N VAL A 385 3.00 11.09 15.13
CA VAL A 385 2.78 12.45 15.57
C VAL A 385 2.49 12.49 17.05
N GLU A 386 3.15 13.44 17.70
CA GLU A 386 3.09 13.51 19.14
C GLU A 386 1.64 13.75 19.49
N GLY A 387 1.07 12.90 20.34
CA GLY A 387 -0.35 12.88 20.56
C GLY A 387 -1.18 11.81 19.86
N LYS A 388 -0.66 11.23 18.78
CA LYS A 388 -1.39 10.22 17.99
C LYS A 388 -2.53 10.78 17.10
N VAL A 389 -2.88 12.04 17.32
CA VAL A 389 -3.82 12.75 16.44
C VAL A 389 -3.11 14.03 16.13
N PHE A 390 -3.46 14.66 15.02
CA PHE A 390 -2.87 15.94 14.71
C PHE A 390 -3.42 16.98 15.63
N THR A 391 -2.53 17.70 16.31
CA THR A 391 -2.89 18.90 17.05
C THR A 391 -1.92 19.99 16.59
N LYS A 392 -2.26 21.25 16.81
CA LYS A 392 -1.35 22.31 16.40
CA LYS A 392 -1.36 22.36 16.44
C LYS A 392 0.00 22.20 17.10
N ASN A 393 0.00 22.16 18.42
CA ASN A 393 1.30 22.13 19.12
C ASN A 393 2.13 20.89 18.87
N GLY A 394 1.48 19.71 18.83
CA GLY A 394 2.23 18.46 18.74
C GLY A 394 2.82 18.34 17.33
N PHE A 395 2.04 18.70 16.31
CA PHE A 395 2.53 18.61 14.93
C PHE A 395 3.63 19.65 14.67
N VAL A 396 3.52 20.86 15.21
CA VAL A 396 4.62 21.83 15.10
C VAL A 396 5.90 21.23 15.71
N LYS A 397 5.76 20.48 16.81
CA LYS A 397 6.95 19.92 17.46
C LYS A 397 7.58 18.83 16.61
N SER A 398 6.76 18.00 15.98
CA SER A 398 7.28 16.92 15.09
C SER A 398 7.92 17.52 13.87
N LEU A 399 7.28 18.55 13.29
CA LEU A 399 7.87 19.22 12.14
C LEU A 399 9.26 19.72 12.47
N ASN A 400 9.36 20.39 13.63
CA ASN A 400 10.65 20.93 14.03
C ASN A 400 11.68 19.86 14.28
N LEU A 401 11.26 18.79 14.91
CA LEU A 401 12.21 17.75 15.27
C LEU A 401 12.86 17.18 14.00
N ILE A 402 12.01 16.89 12.99
CA ILE A 402 12.56 16.20 11.80
C ILE A 402 13.28 17.20 10.90
N LEU A 403 12.68 18.37 10.62
CA LEU A 403 13.28 19.26 9.63
C LEU A 403 14.56 19.94 10.09
N VAL A 404 14.55 20.37 11.36
CA VAL A 404 15.59 21.32 11.77
C VAL A 404 16.38 20.89 12.97
N GLN A 405 15.78 20.21 13.95
CA GLN A 405 16.51 20.08 15.24
C GLN A 405 17.57 18.97 15.25
N GLU A 406 18.61 19.22 16.06
CA GLU A 406 19.68 18.26 16.24
C GLU A 406 19.13 16.95 16.76
N ASP A 407 18.07 16.99 17.55
CA ASP A 407 17.51 15.77 18.10
C ASP A 407 16.92 14.86 17.00
N GLY A 408 16.60 15.43 15.85
CA GLY A 408 16.14 14.64 14.72
C GLY A 408 17.23 14.10 13.78
N LYS A 409 18.49 14.33 14.15
CA LYS A 409 19.61 13.94 13.28
C LYS A 409 19.63 12.44 13.00
N LYS A 410 19.38 11.65 14.05
CA LYS A 410 19.42 10.20 13.91
C LYS A 410 18.40 9.75 12.90
N ILE A 411 17.20 10.26 13.04
CA ILE A 411 16.16 9.94 12.08
C ILE A 411 16.54 10.33 10.63
N ARG A 412 17.09 11.53 10.47
CA ARG A 412 17.47 11.95 9.10
C ARG A 412 18.56 11.04 8.55
N ASP A 413 19.52 10.69 9.40
CA ASP A 413 20.62 9.79 9.00
C ASP A 413 20.12 8.40 8.67
N ASN A 414 19.14 7.92 9.44
CA ASN A 414 18.61 6.58 9.20
C ASN A 414 17.85 6.56 7.89
N ALA A 415 17.18 7.67 7.58
CA ALA A 415 16.43 7.71 6.32
C ALA A 415 17.38 7.56 5.13
N LEU A 416 18.54 8.21 5.20
CA LEU A 416 19.55 8.07 4.14
C LEU A 416 20.07 6.63 4.11
N LYS A 417 20.33 6.01 5.26
CA LYS A 417 20.81 4.63 5.28
C LYS A 417 19.80 3.69 4.65
N VAL A 418 18.53 3.89 4.91
CA VAL A 418 17.50 3.01 4.37
C VAL A 418 17.36 3.21 2.83
N LYS A 419 17.50 4.46 2.38
CA LYS A 419 17.51 4.72 0.94
C LYS A 419 18.61 3.85 0.31
N GLN A 420 19.78 3.84 0.94
CA GLN A 420 20.89 3.12 0.35
C GLN A 420 20.65 1.60 0.37
N ILE A 421 20.05 1.09 1.43
CA ILE A 421 19.63 -0.32 1.47
C ILE A 421 18.63 -0.67 0.34
N VAL A 422 17.66 0.22 0.10
CA VAL A 422 16.70 0.03 -1.02
C VAL A 422 17.44 0.06 -2.37
N GLN A 423 18.36 1.01 -2.57
CA GLN A 423 19.12 1.06 -3.84
C GLN A 423 19.88 -0.25 -4.07
N ASP A 424 20.45 -0.77 -3.00
CA ASP A 424 21.14 -2.06 -3.07
C ASP A 424 20.18 -3.26 -3.27
N ALA A 425 18.99 -3.20 -2.70
CA ALA A 425 17.98 -4.25 -2.85
C ALA A 425 17.39 -4.35 -4.27
N VAL A 426 17.25 -3.22 -4.96
CA VAL A 426 16.70 -3.27 -6.31
C VAL A 426 17.76 -3.57 -7.35
N GLY A 427 19.00 -3.72 -6.88
CA GLY A 427 20.10 -4.07 -7.76
C GLY A 427 20.00 -5.47 -8.35
N PRO A 428 20.78 -5.75 -9.40
CA PRO A 428 20.68 -6.97 -10.19
C PRO A 428 21.05 -8.22 -9.38
N HIS A 429 21.76 -8.03 -8.27
CA HIS A 429 22.14 -9.15 -7.42
C HIS A 429 21.36 -9.09 -6.13
N GLY A 430 20.36 -8.23 -6.10
CA GLY A 430 19.33 -8.33 -5.09
C GLY A 430 18.72 -9.72 -5.10
N GLN A 431 18.20 -10.12 -3.96
CA GLN A 431 17.55 -11.41 -3.84
C GLN A 431 16.15 -11.27 -4.43
N ALA A 432 15.62 -10.04 -4.48
CA ALA A 432 14.36 -9.82 -5.23
C ALA A 432 14.55 -10.16 -6.71
N ALA A 433 15.73 -9.88 -7.27
CA ALA A 433 16.02 -10.34 -8.62
C ALA A 433 15.88 -11.85 -8.76
N GLU A 434 16.42 -12.59 -7.79
CA GLU A 434 16.26 -14.05 -7.78
CA GLU A 434 16.28 -14.05 -7.79
C GLU A 434 14.79 -14.46 -7.57
N ASP A 435 14.12 -13.79 -6.66
CA ASP A 435 12.73 -14.14 -6.36
C ASP A 435 11.81 -13.91 -7.57
N PHE A 436 12.07 -12.85 -8.32
CA PHE A 436 11.30 -12.57 -9.51
C PHE A 436 11.50 -13.73 -10.50
N ASN A 437 12.74 -14.16 -10.66
CA ASN A 437 13.00 -15.32 -11.52
C ASN A 437 12.29 -16.56 -11.04
N THR A 438 12.25 -16.75 -9.73
CA THR A 438 11.57 -17.94 -9.18
C THR A 438 10.10 -17.89 -9.54
N LEU A 439 9.51 -16.71 -9.40
CA LEU A 439 8.09 -16.52 -9.75
C LEU A 439 7.85 -16.81 -11.24
N VAL A 440 8.71 -16.27 -12.09
CA VAL A 440 8.65 -16.55 -13.53
C VAL A 440 8.63 -18.05 -13.85
N GLU A 441 9.44 -18.81 -13.11
CA GLU A 441 9.53 -20.25 -13.38
C GLU A 441 8.32 -20.98 -12.84
N VAL A 442 7.75 -20.50 -11.73
CA VAL A 442 6.49 -21.11 -11.26
C VAL A 442 5.45 -21.05 -12.38
N ILE A 443 5.38 -19.89 -13.05
CA ILE A 443 4.41 -19.65 -14.10
C ILE A 443 4.79 -20.46 -15.35
N SER A 444 6.09 -20.52 -15.68
CA SER A 444 6.64 -21.39 -16.76
C SER A 444 6.23 -22.84 -16.60
N SER A 445 6.26 -23.27 -15.34
CA SER A 445 6.24 -24.69 -14.95
C SER A 445 4.83 -25.21 -14.81
N SER A 446 3.89 -24.27 -14.73
CA SER A 446 2.49 -24.51 -14.33
C SER A 446 1.67 -25.44 -15.23
C1 GOL B . 4.78 -26.53 -33.89
O1 GOL B . 3.97 -27.06 -32.82
C2 GOL B . 5.97 -25.83 -33.25
O2 GOL B . 5.49 -24.97 -32.20
C3 GOL B . 6.72 -24.94 -34.22
O3 GOL B . 7.52 -24.11 -33.37
C1 GOL C . -0.97 13.08 -4.29
O1 GOL C . -1.82 13.93 -5.11
C2 GOL C . -0.99 11.61 -4.76
O2 GOL C . -0.47 11.50 -6.10
C3 GOL C . -2.43 11.11 -4.72
O3 GOL C . -2.81 10.96 -3.36
C ACT D . -4.12 5.13 0.26
O ACT D . -4.30 4.30 1.20
OXT ACT D . -3.00 5.30 -0.26
CH3 ACT D . -5.29 5.94 -0.22
#